data_8PXE
#
_entry.id   8PXE
#
_cell.length_a   66.004
_cell.length_b   66.004
_cell.length_c   113.245
_cell.angle_alpha   90.000
_cell.angle_beta   90.000
_cell.angle_gamma   90.000
#
_symmetry.space_group_name_H-M   'P 41 21 2'
#
_entity_poly.entity_id   1
_entity_poly.type   'polypeptide(L)'
_entity_poly.pdbx_seq_one_letter_code
;MASFEDTLKATIKSNTKQDIKILKIQNLQSSPDVKLVLIAVGNMQVPIFASKDGKLVMGVSNVFFAHKSEDMGAVGSLIK
QTQSESKPDKAILDTLFKKIPQDEYIILRSPNKNAKKITYIVSDPNCPSCQKELNNIQERLKDSDVYMLLVGFVGEDSPI
KSSMLRDRLLDVKDDKEKLKILREVYTPKSKVPTSYINIDIKDTMKINQKVIDAGIKSVPFVYERNKLEHHHHHHH
;
_entity_poly.pdbx_strand_id   A,B
#
# COMPACT_ATOMS: atom_id res chain seq x y z
N ALA A 2 -17.51 -5.21 -10.71
CA ALA A 2 -16.50 -6.23 -10.97
C ALA A 2 -15.85 -6.67 -9.67
N SER A 3 -15.79 -7.97 -9.42
CA SER A 3 -15.29 -8.48 -8.15
C SER A 3 -13.85 -8.05 -7.91
N PHE A 4 -13.40 -8.31 -6.68
CA PHE A 4 -12.05 -7.91 -6.30
C PHE A 4 -11.04 -8.65 -7.15
N GLU A 5 -11.23 -9.95 -7.29
CA GLU A 5 -10.30 -10.73 -8.09
C GLU A 5 -10.35 -10.29 -9.55
N ASP A 6 -11.54 -10.02 -10.07
CA ASP A 6 -11.60 -9.58 -11.46
C ASP A 6 -11.02 -8.18 -11.64
N THR A 7 -11.34 -7.25 -10.72
CA THR A 7 -10.70 -5.94 -10.79
C THR A 7 -9.19 -6.06 -10.60
N LEU A 8 -8.77 -6.83 -9.60
CA LEU A 8 -7.34 -6.96 -9.36
C LEU A 8 -6.63 -7.55 -10.57
N LYS A 9 -7.21 -8.62 -11.16
CA LYS A 9 -6.65 -9.19 -12.39
C LYS A 9 -6.54 -8.14 -13.48
N ALA A 10 -7.58 -7.32 -13.63
CA ALA A 10 -7.56 -6.28 -14.65
C ALA A 10 -6.48 -5.27 -14.34
N THR A 11 -6.41 -4.85 -13.09
CA THR A 11 -5.54 -3.74 -12.77
C THR A 11 -4.09 -4.08 -13.10
N ILE A 12 -3.64 -5.30 -12.79
CA ILE A 12 -2.26 -5.71 -13.07
C ILE A 12 -2.07 -5.88 -14.57
N LYS A 13 -3.01 -6.57 -15.22
CA LYS A 13 -2.90 -6.79 -16.66
C LYS A 13 -2.82 -5.48 -17.40
N SER A 14 -3.67 -4.55 -17.03
CA SER A 14 -3.67 -3.28 -17.73
C SER A 14 -2.30 -2.60 -17.71
N ASN A 15 -1.47 -2.84 -16.66
CA ASN A 15 -0.16 -2.19 -16.55
C ASN A 15 1.02 -3.09 -16.86
N THR A 16 0.83 -4.40 -16.85
CA THR A 16 1.91 -5.34 -17.13
C THR A 16 1.68 -6.28 -18.29
N LYS A 17 0.50 -6.26 -18.92
CA LYS A 17 0.06 -7.15 -19.99
C LYS A 17 0.02 -8.61 -19.55
N GLN A 18 0.14 -8.86 -18.25
CA GLN A 18 0.37 -10.18 -17.71
C GLN A 18 -0.89 -10.76 -17.12
N ASP A 19 -1.09 -12.05 -17.33
CA ASP A 19 -2.28 -12.73 -16.84
C ASP A 19 -1.92 -13.44 -15.55
N ILE A 20 -2.55 -13.06 -14.45
CA ILE A 20 -2.04 -13.56 -13.19
C ILE A 20 -3.03 -14.53 -12.60
N LYS A 21 -2.56 -15.35 -11.68
CA LYS A 21 -3.45 -16.18 -10.88
C LYS A 21 -3.40 -15.67 -9.44
N ILE A 22 -4.59 -15.48 -8.87
CA ILE A 22 -4.72 -15.08 -7.48
C ILE A 22 -4.74 -16.35 -6.64
N LEU A 23 -3.71 -16.52 -5.85
CA LEU A 23 -3.50 -17.74 -5.09
C LEU A 23 -4.20 -17.65 -3.73
N LYS A 24 -3.88 -16.62 -2.97
CA LYS A 24 -4.30 -16.50 -1.59
C LYS A 24 -4.61 -15.03 -1.31
N ILE A 25 -5.77 -14.77 -0.71
CA ILE A 25 -6.19 -13.43 -0.30
C ILE A 25 -6.25 -13.42 1.22
N GLN A 26 -5.61 -12.44 1.85
CA GLN A 26 -5.63 -12.36 3.30
C GLN A 26 -6.07 -10.99 3.78
N ASN A 27 -7.14 -10.94 4.58
CA ASN A 27 -7.61 -9.69 5.14
C ASN A 27 -6.75 -9.28 6.33
N LEU A 28 -6.69 -7.98 6.58
CA LEU A 28 -5.85 -7.41 7.62
C LEU A 28 -6.75 -7.00 8.78
N GLN A 29 -6.37 -7.41 9.99
CA GLN A 29 -7.20 -7.08 11.14
C GLN A 29 -7.22 -5.57 11.38
N SER A 30 -6.16 -4.87 10.96
CA SER A 30 -6.02 -3.46 11.27
C SER A 30 -7.09 -2.59 10.61
N SER A 31 -7.36 -2.82 9.33
CA SER A 31 -8.34 -2.04 8.59
C SER A 31 -8.81 -2.85 7.40
N PRO A 32 -10.02 -2.59 6.89
CA PRO A 32 -10.48 -3.30 5.69
C PRO A 32 -10.07 -2.67 4.37
N ASP A 33 -9.42 -1.49 4.41
CA ASP A 33 -9.11 -0.77 3.18
C ASP A 33 -8.08 -1.49 2.31
N VAL A 34 -7.16 -2.27 2.91
CA VAL A 34 -6.10 -2.88 2.12
C VAL A 34 -6.04 -4.39 2.41
N LYS A 35 -6.02 -5.18 1.34
CA LYS A 35 -6.00 -6.63 1.43
C LYS A 35 -4.62 -7.07 1.00
N LEU A 36 -4.02 -7.91 1.81
CA LEU A 36 -2.73 -8.50 1.49
C LEU A 36 -2.99 -9.75 0.65
N VAL A 37 -2.43 -9.79 -0.56
CA VAL A 37 -2.73 -10.85 -1.54
C VAL A 37 -1.45 -11.39 -2.16
N LEU A 38 -1.48 -12.69 -2.45
CA LEU A 38 -0.36 -13.42 -3.02
C LEU A 38 -0.79 -13.95 -4.38
N ILE A 39 -0.08 -13.54 -5.45
CA ILE A 39 -0.43 -13.86 -6.84
C ILE A 39 0.69 -14.66 -7.52
N ALA A 40 0.36 -15.25 -8.67
CA ALA A 40 1.36 -15.94 -9.51
C ALA A 40 1.53 -15.19 -10.83
N VAL A 41 2.72 -14.61 -11.01
CA VAL A 41 3.14 -13.94 -12.23
C VAL A 41 4.37 -14.63 -12.76
N GLY A 42 4.34 -14.99 -14.02
CA GLY A 42 5.46 -15.74 -14.55
C GLY A 42 5.68 -16.99 -13.72
N ASN A 43 6.93 -17.26 -13.34
CA ASN A 43 7.20 -18.51 -12.69
C ASN A 43 7.31 -18.40 -11.19
N MET A 44 7.08 -17.21 -10.63
CA MET A 44 7.13 -16.96 -9.19
C MET A 44 5.77 -16.67 -8.57
N GLN A 45 5.63 -17.02 -7.30
CA GLN A 45 4.49 -16.61 -6.48
C GLN A 45 4.96 -15.38 -5.75
N VAL A 46 4.18 -14.33 -5.75
CA VAL A 46 4.73 -13.11 -5.17
C VAL A 46 3.62 -12.32 -4.46
N PRO A 47 3.90 -11.73 -3.30
CA PRO A 47 2.88 -10.99 -2.55
C PRO A 47 2.78 -9.51 -2.90
N ILE A 48 1.58 -8.96 -2.71
CA ILE A 48 1.29 -7.54 -2.93
C ILE A 48 0.21 -7.06 -1.97
N PHE A 49 0.10 -5.73 -1.88
CA PHE A 49 -0.98 -5.05 -1.20
C PHE A 49 -1.93 -4.55 -2.27
N ALA A 50 -3.22 -4.58 -1.98
CA ALA A 50 -4.22 -4.15 -2.95
C ALA A 50 -5.36 -3.44 -2.23
N SER A 51 -5.77 -2.30 -2.77
CA SER A 51 -6.94 -1.64 -2.26
C SER A 51 -8.09 -2.63 -2.28
N LYS A 52 -9.06 -2.43 -1.37
CA LYS A 52 -10.13 -3.41 -1.22
C LYS A 52 -10.92 -3.53 -2.51
N ASP A 53 -10.90 -2.49 -3.34
CA ASP A 53 -11.62 -2.52 -4.60
C ASP A 53 -10.81 -3.07 -5.75
N GLY A 54 -9.55 -3.40 -5.53
CA GLY A 54 -8.72 -3.95 -6.59
C GLY A 54 -8.25 -2.94 -7.62
N LYS A 55 -8.40 -1.65 -7.37
CA LYS A 55 -8.00 -0.66 -8.35
C LYS A 55 -6.60 -0.13 -8.09
N LEU A 56 -5.91 -0.61 -7.05
CA LEU A 56 -4.54 -0.24 -6.68
C LEU A 56 -3.77 -1.46 -6.22
N VAL A 57 -2.57 -1.71 -6.75
CA VAL A 57 -1.67 -2.67 -6.08
C VAL A 57 -0.36 -1.95 -5.77
N MET A 58 0.17 -2.21 -4.58
CA MET A 58 1.44 -1.67 -4.17
C MET A 58 2.31 -2.82 -3.72
N GLY A 59 3.51 -2.88 -4.30
CA GLY A 59 4.43 -3.95 -3.98
C GLY A 59 4.78 -3.99 -2.51
N VAL A 60 5.04 -5.19 -2.02
CA VAL A 60 5.44 -5.33 -0.64
C VAL A 60 6.81 -4.73 -0.45
N SER A 61 6.92 -3.76 0.43
CA SER A 61 8.23 -3.28 0.82
C SER A 61 8.48 -3.64 2.27
N ASN A 62 9.71 -3.39 2.72
CA ASN A 62 10.13 -3.59 4.10
C ASN A 62 9.87 -2.35 5.00
N VAL A 63 8.99 -1.46 4.58
CA VAL A 63 8.32 -0.54 5.49
C VAL A 63 6.88 -1.04 5.60
N PHE A 64 6.45 -1.43 6.79
CA PHE A 64 5.03 -1.81 6.95
C PHE A 64 4.69 -1.73 8.42
N PHE A 65 3.81 -0.82 8.78
CA PHE A 65 3.41 -0.69 10.15
C PHE A 65 1.89 -0.75 10.15
N ALA A 66 1.36 -1.47 11.11
CA ALA A 66 -0.07 -1.69 11.17
C ALA A 66 -0.55 -1.30 12.56
N HIS A 67 -1.79 -0.83 12.63
CA HIS A 67 -2.31 -0.44 13.93
C HIS A 67 -2.29 -1.60 14.89
N LYS A 68 -2.56 -2.79 14.38
CA LYS A 68 -2.49 -4.00 15.16
C LYS A 68 -1.17 -4.69 14.91
N SER A 69 -0.57 -5.24 15.98
CA SER A 69 0.75 -5.85 15.84
C SER A 69 0.70 -7.12 14.99
N GLU A 70 -0.35 -7.92 15.14
CA GLU A 70 -0.39 -9.24 14.51
C GLU A 70 -0.25 -9.18 13.00
N ASP A 71 -0.84 -8.18 12.36
CA ASP A 71 -0.74 -8.09 10.90
C ASP A 71 0.72 -8.04 10.42
N MET A 72 1.61 -7.43 11.20
CA MET A 72 3.02 -7.41 10.83
C MET A 72 3.57 -8.81 10.75
N GLY A 73 3.15 -9.67 11.67
CA GLY A 73 3.45 -11.09 11.53
C GLY A 73 2.89 -11.65 10.23
N ALA A 74 1.66 -11.27 9.87
CA ALA A 74 1.02 -11.86 8.71
C ALA A 74 1.80 -11.59 7.44
N VAL A 75 2.16 -10.31 7.21
CA VAL A 75 2.95 -9.92 6.03
C VAL A 75 4.32 -10.56 6.07
N GLY A 76 4.94 -10.59 7.25
CA GLY A 76 6.23 -11.24 7.42
C GLY A 76 6.18 -12.72 7.12
N SER A 77 5.04 -13.36 7.36
CA SER A 77 4.87 -14.78 7.04
C SER A 77 4.80 -15.01 5.55
N LEU A 78 3.99 -14.24 4.86
CA LEU A 78 3.86 -14.50 3.44
C LEU A 78 5.07 -13.99 2.66
N ILE A 79 5.80 -12.99 3.19
CA ILE A 79 7.04 -12.58 2.51
C ILE A 79 8.13 -13.65 2.66
N LYS A 80 8.01 -14.52 3.68
CA LYS A 80 8.84 -15.71 3.76
C LYS A 80 8.27 -16.87 2.93
N GLN A 81 7.23 -16.62 2.13
CA GLN A 81 6.47 -17.66 1.46
C GLN A 81 6.58 -17.55 -0.08
N ALA B 2 -10.52 8.94 16.16
CA ALA B 2 -9.28 9.67 15.94
C ALA B 2 -9.09 9.98 14.47
N SER B 3 -8.77 11.23 14.17
CA SER B 3 -8.67 11.72 12.80
C SER B 3 -7.56 11.01 12.01
N PHE B 4 -7.61 11.17 10.68
CA PHE B 4 -6.68 10.45 9.81
C PHE B 4 -5.24 10.81 10.12
N GLU B 5 -4.94 12.11 10.21
CA GLU B 5 -3.57 12.50 10.49
C GLU B 5 -3.14 12.05 11.89
N ASP B 6 -4.06 12.04 12.86
CA ASP B 6 -3.69 11.59 14.20
C ASP B 6 -3.49 10.09 14.24
N THR B 7 -4.40 9.33 13.62
CA THR B 7 -4.21 7.87 13.54
C THR B 7 -2.93 7.52 12.81
N LEU B 8 -2.69 8.19 11.68
CA LEU B 8 -1.48 7.91 10.91
C LEU B 8 -0.25 8.21 11.75
N LYS B 9 -0.25 9.33 12.45
CA LYS B 9 0.85 9.66 13.35
C LYS B 9 1.02 8.57 14.42
N ALA B 10 -0.11 8.09 14.97
CA ALA B 10 -0.07 7.08 16.03
C ALA B 10 0.47 5.77 15.51
N THR B 11 -0.13 5.27 14.43
CA THR B 11 0.25 3.99 13.88
C THR B 11 1.70 3.95 13.44
N ILE B 12 2.26 5.09 12.99
CA ILE B 12 3.68 5.11 12.69
C ILE B 12 4.49 5.14 13.98
N LYS B 13 4.18 6.07 14.89
CA LYS B 13 5.00 6.18 16.11
C LYS B 13 5.00 4.88 16.91
N SER B 14 3.84 4.26 17.09
CA SER B 14 3.77 3.07 17.93
C SER B 14 4.76 1.99 17.48
N ASN B 15 5.15 2.00 16.21
CA ASN B 15 6.02 0.97 15.65
C ASN B 15 7.45 1.40 15.36
N THR B 16 7.70 2.69 15.19
CA THR B 16 9.06 3.18 15.04
C THR B 16 9.46 4.11 16.17
N LYS B 17 8.61 4.27 17.19
CA LYS B 17 8.80 5.22 18.29
C LYS B 17 9.44 6.53 17.82
N GLN B 18 8.95 7.06 16.70
CA GLN B 18 9.39 8.33 16.15
C GLN B 18 8.19 9.24 15.91
N ASP B 19 8.38 10.53 16.17
CA ASP B 19 7.32 11.53 16.00
C ASP B 19 7.55 12.27 14.67
N ILE B 20 6.56 12.17 13.77
CA ILE B 20 6.71 12.67 12.41
C ILE B 20 5.65 13.73 12.11
N LYS B 21 5.98 14.63 11.20
CA LYS B 21 5.00 15.57 10.67
C LYS B 21 4.50 15.09 9.30
N ILE B 22 3.26 15.47 8.98
CA ILE B 22 2.64 15.21 7.69
C ILE B 22 2.78 16.45 6.81
N LEU B 23 3.51 16.31 5.71
CA LEU B 23 3.72 17.44 4.83
C LEU B 23 2.64 17.52 3.77
N LYS B 24 2.44 16.43 3.05
CA LYS B 24 1.63 16.45 1.85
C LYS B 24 0.77 15.19 1.89
N ILE B 25 -0.53 15.33 1.63
CA ILE B 25 -1.40 14.18 1.45
C ILE B 25 -1.97 14.26 0.06
N GLN B 26 -1.92 13.17 -0.68
CA GLN B 26 -2.46 13.15 -2.04
C GLN B 26 -3.36 11.94 -2.20
N ASN B 27 -4.62 12.20 -2.58
CA ASN B 27 -5.54 11.10 -2.85
C ASN B 27 -5.29 10.52 -4.21
N LEU B 28 -5.66 9.26 -4.34
CA LEU B 28 -5.45 8.53 -5.58
C LEU B 28 -6.80 8.43 -6.30
N GLN B 29 -6.81 8.82 -7.57
CA GLN B 29 -8.07 8.76 -8.31
C GLN B 29 -8.57 7.34 -8.50
N SER B 30 -7.69 6.35 -8.56
CA SER B 30 -8.20 5.01 -8.81
C SER B 30 -9.13 4.57 -7.68
N SER B 31 -8.74 4.83 -6.43
CA SER B 31 -9.51 4.39 -5.27
C SER B 31 -9.33 5.32 -4.10
N PRO B 32 -10.33 5.43 -3.23
CA PRO B 32 -10.15 6.20 -2.01
C PRO B 32 -9.59 5.36 -0.88
N ASP B 33 -9.46 4.06 -1.11
CA ASP B 33 -9.03 3.20 -0.02
C ASP B 33 -7.60 3.48 0.40
N VAL B 34 -6.80 4.10 -0.45
CA VAL B 34 -5.40 4.36 -0.11
C VAL B 34 -4.98 5.80 -0.42
N LYS B 35 -4.33 6.43 0.54
CA LYS B 35 -3.84 7.77 0.33
C LYS B 35 -2.33 7.70 0.19
N LEU B 36 -1.82 8.40 -0.79
CA LEU B 36 -0.38 8.59 -0.89
C LEU B 36 -0.04 9.83 -0.07
N VAL B 37 0.85 9.66 0.92
CA VAL B 37 1.17 10.70 1.90
C VAL B 37 2.67 10.83 2.04
N LEU B 38 3.16 12.05 2.23
CA LEU B 38 4.58 12.33 2.35
C LEU B 38 4.81 12.87 3.76
N ILE B 39 5.66 12.18 4.53
CA ILE B 39 5.87 12.53 5.92
C ILE B 39 7.34 12.92 6.11
N ALA B 40 7.61 13.56 7.24
CA ALA B 40 8.95 13.99 7.59
C ALA B 40 9.43 13.23 8.81
N VAL B 41 10.55 12.53 8.66
CA VAL B 41 11.23 11.86 9.76
C VAL B 41 12.54 12.62 9.97
N GLY B 42 12.65 13.30 11.10
CA GLY B 42 13.81 14.15 11.30
C GLY B 42 13.95 15.08 10.13
N ASN B 43 15.12 15.01 9.49
CA ASN B 43 15.45 15.80 8.31
C ASN B 43 15.29 15.02 7.01
N MET B 44 14.64 13.86 7.04
CA MET B 44 14.30 13.19 5.79
C MET B 44 12.81 13.34 5.51
N GLN B 45 12.50 13.51 4.23
CA GLN B 45 11.15 13.44 3.71
C GLN B 45 11.01 12.08 3.07
N VAL B 46 9.97 11.33 3.42
CA VAL B 46 9.78 10.00 2.83
C VAL B 46 8.32 9.80 2.46
N PRO B 47 8.05 9.31 1.27
CA PRO B 47 6.66 9.06 0.88
C PRO B 47 6.23 7.65 1.30
N ILE B 48 4.94 7.53 1.59
CA ILE B 48 4.36 6.28 2.03
C ILE B 48 2.93 6.17 1.49
N PHE B 49 2.41 4.95 1.53
CA PHE B 49 1.02 4.69 1.23
C PHE B 49 0.31 4.45 2.55
N ALA B 50 -0.92 4.90 2.67
CA ALA B 50 -1.64 4.77 3.92
C ALA B 50 -3.07 4.34 3.64
N SER B 51 -3.55 3.36 4.39
CA SER B 51 -4.97 3.09 4.27
C SER B 51 -5.73 4.37 4.61
N LYS B 52 -6.92 4.54 4.03
CA LYS B 52 -7.62 5.81 4.16
C LYS B 52 -7.91 6.17 5.60
N ASP B 53 -7.96 5.19 6.51
CA ASP B 53 -8.21 5.44 7.92
C ASP B 53 -6.94 5.68 8.72
N GLY B 54 -5.79 5.57 8.09
CA GLY B 54 -4.53 5.79 8.76
C GLY B 54 -4.05 4.63 9.61
N LYS B 55 -4.67 3.45 9.50
CA LYS B 55 -4.29 2.34 10.35
C LYS B 55 -3.29 1.37 9.71
N LEU B 56 -2.91 1.60 8.45
CA LEU B 56 -1.83 0.87 7.76
C LEU B 56 -0.99 1.86 7.00
N VAL B 57 0.31 1.78 7.21
CA VAL B 57 1.29 2.46 6.40
C VAL B 57 2.15 1.41 5.72
N MET B 58 2.37 1.58 4.43
CA MET B 58 3.06 0.66 3.57
C MET B 58 4.06 1.46 2.76
N GLY B 59 5.32 1.04 2.76
CA GLY B 59 6.32 1.80 2.04
C GLY B 59 6.05 1.84 0.53
N VAL B 60 6.41 2.97 -0.07
CA VAL B 60 6.41 3.10 -1.51
C VAL B 60 7.53 2.22 -2.04
N SER B 61 7.19 1.29 -2.91
CA SER B 61 8.21 0.49 -3.58
C SER B 61 8.18 0.82 -5.06
N ASN B 62 9.13 0.25 -5.80
CA ASN B 62 9.03 0.42 -7.25
C ASN B 62 8.08 -0.60 -7.90
N VAL B 63 7.17 -1.16 -7.13
CA VAL B 63 5.95 -1.73 -7.69
C VAL B 63 4.77 -0.90 -7.20
N PHE B 64 3.96 -0.41 -8.14
CA PHE B 64 2.72 0.29 -7.86
C PHE B 64 1.93 0.24 -9.14
N PHE B 65 0.73 -0.34 -9.12
CA PHE B 65 -0.13 -0.32 -10.29
C PHE B 65 -1.46 0.27 -9.89
N ALA B 66 -2.02 1.08 -10.77
CA ALA B 66 -3.31 1.70 -10.51
C ALA B 66 -4.22 1.51 -11.70
N HIS B 67 -5.51 1.37 -11.41
CA HIS B 67 -6.50 1.25 -12.47
C HIS B 67 -6.58 2.50 -13.33
N LYS B 68 -6.38 3.67 -12.74
CA LYS B 68 -6.36 4.89 -13.52
C LYS B 68 -4.90 5.23 -13.81
N SER B 69 -4.63 5.68 -15.04
CA SER B 69 -3.25 5.87 -15.49
C SER B 69 -2.57 7.01 -14.74
N GLU B 70 -3.30 8.10 -14.51
CA GLU B 70 -2.71 9.31 -13.94
C GLU B 70 -2.09 9.05 -12.58
N ASP B 71 -2.70 8.20 -11.77
CA ASP B 71 -2.18 7.98 -10.43
C ASP B 71 -0.73 7.53 -10.44
N MET B 72 -0.34 6.79 -11.47
CA MET B 72 1.05 6.38 -11.60
C MET B 72 1.95 7.58 -11.78
N GLY B 73 1.52 8.55 -12.57
CA GLY B 73 2.27 9.79 -12.64
C GLY B 73 2.38 10.44 -11.27
N ALA B 74 1.29 10.43 -10.50
CA ALA B 74 1.27 11.16 -9.23
C ALA B 74 2.32 10.64 -8.27
N VAL B 75 2.33 9.32 -8.04
CA VAL B 75 3.34 8.75 -7.15
C VAL B 75 4.75 8.87 -7.75
N GLY B 76 4.89 8.65 -9.06
CA GLY B 76 6.19 8.77 -9.71
C GLY B 76 6.81 10.14 -9.59
N SER B 77 5.99 11.19 -9.55
CA SER B 77 6.48 12.53 -9.27
C SER B 77 6.88 12.65 -7.81
N LEU B 78 6.05 12.12 -6.91
CA LEU B 78 6.33 12.32 -5.49
C LEU B 78 7.53 11.52 -5.03
N ILE B 79 7.85 10.39 -5.68
CA ILE B 79 9.07 9.68 -5.31
C ILE B 79 10.29 10.47 -5.79
N LYS B 80 10.13 11.26 -6.86
CA LYS B 80 11.24 12.09 -7.33
C LYS B 80 11.52 13.24 -6.36
N GLN B 81 10.47 13.89 -5.82
CA GLN B 81 10.68 14.99 -4.87
C GLN B 81 11.47 14.53 -3.65
N THR B 82 11.28 13.28 -3.22
CA THR B 82 11.97 12.84 -2.02
C THR B 82 13.42 12.47 -2.30
N GLN B 83 13.70 11.86 -3.45
CA GLN B 83 15.05 11.49 -3.93
C GLN B 83 14.97 11.15 -5.42
#